data_3N46
#
_entry.id   3N46
#
_cell.length_a   110.853
_cell.length_b   110.853
_cell.length_c   70.861
_cell.angle_alpha   90.000
_cell.angle_beta   90.000
_cell.angle_gamma   90.000
#
_symmetry.space_group_name_H-M   'P 41 21 2'
#
loop_
_entity.id
_entity.type
_entity.pdbx_description
1 polymer 'FARNESYL PYROPHOSPHATE SYNTHASE'
2 non-polymer '(2R)-1-[(benzyloxy)carbonyl]-2,3-dihydro-1H-indole-2-carboxylic acid'
3 non-polymer 'ZOLEDRONIC ACID'
4 non-polymer 'MAGNESIUM ION'
5 non-polymer 'PHOSPHATE ION'
6 water water
#
_entity_poly.entity_id   1
_entity_poly.type   'polypeptide(L)'
_entity_poly.pdbx_seq_one_letter_code
;GPNSDVYAQEKQDFVQHFSQIVRVLTEDEMGHPEIGDAIARLKEVLEYNAIGGKYNRGLTVVVAFRELVEPRKQDADSLQ
RAWTVGWCVELLQAFFLVADDIMDSSLTRRGQICWYQKPGVGLDAINDANLLEACIYRLLKLYCREQPYYLNLIELFLQS
SYQTEIGQTLDLLTAPQGNVDLVRFTEKRYKSIVKYKTAFYSFYLPIAAAMYMAGIDGEKEHANAKKILLEMGEFFQIQD
DYLDLFGDPSVTGKIGTDIQDNKCSWLVVQCLQRATPEQYQILKENYGQKEAEKVARVKALYEELDLPAVFLQYEEDSYS
HIMALIEQYAAPLPPAVFLGLARKIYKRRK
;
_entity_poly.pdbx_strand_id   F
#
# COMPACT_ATOMS: atom_id res chain seq x y z
N ASP A 5 2.84 1.03 -19.88
CA ASP A 5 4.18 1.67 -19.78
C ASP A 5 4.00 3.18 -19.70
N VAL A 6 2.73 3.60 -19.65
CA VAL A 6 2.38 5.03 -19.56
C VAL A 6 2.96 5.61 -18.27
N TYR A 7 3.36 4.72 -17.37
CA TYR A 7 3.94 5.11 -16.08
C TYR A 7 5.33 5.72 -16.29
N ALA A 8 6.21 4.99 -16.99
CA ALA A 8 7.57 5.44 -17.25
C ALA A 8 7.64 6.85 -17.88
N GLN A 9 6.66 7.17 -18.73
CA GLN A 9 6.61 8.49 -19.39
C GLN A 9 6.08 9.56 -18.47
N GLU A 10 5.74 9.18 -17.24
CA GLU A 10 5.22 10.14 -16.29
C GLU A 10 6.06 10.14 -15.03
N LYS A 11 6.77 9.05 -14.78
CA LYS A 11 7.59 8.91 -13.58
C LYS A 11 8.54 10.06 -13.29
N GLN A 12 9.39 10.41 -14.27
CA GLN A 12 10.35 11.49 -14.07
C GLN A 12 9.73 12.81 -13.62
N ASP A 13 8.68 13.24 -14.31
CA ASP A 13 7.99 14.49 -13.97
C ASP A 13 7.37 14.41 -12.57
N PHE A 14 7.01 13.19 -12.18
CA PHE A 14 6.41 12.96 -10.87
C PHE A 14 7.46 13.05 -9.78
N VAL A 15 8.54 12.31 -9.93
CA VAL A 15 9.60 12.33 -8.93
C VAL A 15 10.25 13.72 -8.78
N GLN A 16 10.18 14.54 -9.82
CA GLN A 16 10.76 15.86 -9.74
C GLN A 16 9.85 16.85 -9.01
N HIS A 17 8.54 16.63 -9.09
CA HIS A 17 7.58 17.51 -8.44
C HIS A 17 7.73 17.46 -6.91
N PHE A 18 8.39 16.42 -6.41
CA PHE A 18 8.59 16.25 -4.99
C PHE A 18 9.31 17.43 -4.36
N SER A 19 10.27 17.98 -5.08
CA SER A 19 11.05 19.12 -4.63
C SER A 19 10.13 20.28 -4.32
N GLN A 20 9.14 20.48 -5.19
CA GLN A 20 8.19 21.57 -5.01
C GLN A 20 7.33 21.27 -3.79
N ILE A 21 6.97 20.01 -3.62
CA ILE A 21 6.16 19.58 -2.47
C ILE A 21 6.92 19.89 -1.18
N VAL A 22 8.15 19.40 -1.09
CA VAL A 22 8.95 19.64 0.09
C VAL A 22 9.18 21.14 0.29
N ARG A 23 9.24 21.88 -0.82
CA ARG A 23 9.46 23.31 -0.80
C ARG A 23 8.20 24.03 -0.31
N VAL A 24 7.04 23.65 -0.83
CA VAL A 24 5.78 24.27 -0.41
C VAL A 24 5.44 23.98 1.05
N LEU A 25 5.76 22.78 1.52
CA LEU A 25 5.49 22.41 2.90
C LEU A 25 6.42 23.15 3.87
N THR A 26 7.69 23.25 3.52
CA THR A 26 8.67 23.94 4.37
C THR A 26 8.49 25.46 4.29
N GLU A 27 7.65 25.90 3.36
CA GLU A 27 7.37 27.32 3.17
C GLU A 27 6.48 27.83 4.29
N ASP A 28 6.33 27.03 5.35
CA ASP A 28 5.51 27.39 6.51
C ASP A 28 6.34 28.20 7.50
N GLU A 29 7.60 27.81 7.68
CA GLU A 29 8.50 28.49 8.59
C GLU A 29 8.80 29.90 8.08
N MET A 30 8.37 30.17 6.86
CA MET A 30 8.59 31.46 6.24
C MET A 30 7.93 32.56 7.07
N GLY A 31 6.89 32.20 7.82
CA GLY A 31 6.21 33.18 8.65
C GLY A 31 6.23 32.80 10.12
N HIS A 32 6.74 31.61 10.41
CA HIS A 32 6.81 31.12 11.79
C HIS A 32 8.17 30.51 12.10
N PRO A 33 9.22 31.34 12.11
CA PRO A 33 10.62 30.96 12.38
C PRO A 33 10.79 30.08 13.61
N GLU A 34 9.89 30.24 14.58
CA GLU A 34 9.93 29.49 15.83
C GLU A 34 9.81 27.96 15.62
N ILE A 35 9.07 27.54 14.60
CA ILE A 35 8.93 26.11 14.33
C ILE A 35 9.94 25.63 13.29
N GLY A 36 11.02 26.38 13.14
CA GLY A 36 12.05 26.03 12.16
C GLY A 36 12.62 24.64 12.34
N ASP A 37 13.04 24.32 13.57
CA ASP A 37 13.60 23.03 13.89
C ASP A 37 12.61 21.89 13.61
N ALA A 38 11.31 22.17 13.78
CA ALA A 38 10.28 21.18 13.52
C ALA A 38 10.14 20.99 12.02
N ILE A 39 10.16 22.09 11.28
CA ILE A 39 10.06 21.99 9.83
C ILE A 39 11.26 21.24 9.28
N ALA A 40 12.42 21.46 9.86
CA ALA A 40 13.61 20.77 9.39
C ALA A 40 13.45 19.25 9.57
N ARG A 41 12.89 18.86 10.71
CA ARG A 41 12.66 17.46 11.05
C ARG A 41 11.64 16.87 10.06
N LEU A 42 10.59 17.62 9.76
CA LEU A 42 9.60 17.12 8.81
C LEU A 42 10.28 16.84 7.47
N LYS A 43 11.12 17.76 7.02
CA LYS A 43 11.84 17.58 5.76
C LYS A 43 12.65 16.28 5.80
N GLU A 44 13.40 16.09 6.88
CA GLU A 44 14.21 14.89 7.02
C GLU A 44 13.28 13.68 6.93
N VAL A 45 12.14 13.75 7.62
CA VAL A 45 11.15 12.68 7.64
C VAL A 45 10.53 12.45 6.25
N LEU A 46 10.26 13.51 5.51
CA LEU A 46 9.69 13.36 4.16
C LEU A 46 10.69 12.70 3.22
N GLU A 47 11.92 13.17 3.26
CA GLU A 47 12.98 12.68 2.40
C GLU A 47 13.43 11.26 2.68
N TYR A 48 13.25 10.81 3.91
CA TYR A 48 13.67 9.47 4.24
C TYR A 48 12.58 8.42 3.97
N ASN A 49 11.33 8.82 4.17
CA ASN A 49 10.21 7.89 4.04
C ASN A 49 9.31 7.95 2.83
N ALA A 50 9.30 9.09 2.15
CA ALA A 50 8.48 9.26 0.96
C ALA A 50 9.29 8.94 -0.30
N ILE A 51 10.62 9.00 -0.21
CA ILE A 51 11.50 8.71 -1.34
C ILE A 51 12.13 7.31 -1.28
N GLY A 52 12.32 6.67 -2.42
CA GLY A 52 12.94 5.35 -2.39
C GLY A 52 12.14 4.19 -2.94
N GLY A 53 10.86 4.40 -3.21
CA GLY A 53 10.03 3.32 -3.73
C GLY A 53 9.75 3.49 -5.21
N LYS A 54 8.92 2.60 -5.76
CA LYS A 54 8.60 2.68 -7.18
C LYS A 54 7.54 3.73 -7.51
N TYR A 55 6.85 4.24 -6.49
CA TYR A 55 5.82 5.27 -6.65
C TYR A 55 4.64 4.89 -7.54
N ASN A 56 4.37 3.60 -7.64
CA ASN A 56 3.25 3.19 -8.49
C ASN A 56 1.91 3.72 -8.05
N ARG A 57 1.67 3.72 -6.74
CA ARG A 57 0.40 4.21 -6.21
C ARG A 57 0.13 5.67 -6.58
N GLY A 58 1.15 6.50 -6.41
CA GLY A 58 0.99 7.91 -6.73
C GLY A 58 0.95 8.13 -8.22
N LEU A 59 1.76 7.37 -8.95
CA LEU A 59 1.78 7.49 -10.41
C LEU A 59 0.42 7.11 -10.98
N THR A 60 -0.27 6.19 -10.30
CA THR A 60 -1.57 5.76 -10.77
C THR A 60 -2.56 6.92 -10.81
N VAL A 61 -2.37 7.91 -9.94
CA VAL A 61 -3.26 9.05 -9.93
C VAL A 61 -2.99 9.89 -11.18
N VAL A 62 -1.73 10.09 -11.52
CA VAL A 62 -1.37 10.87 -12.70
C VAL A 62 -1.89 10.15 -13.95
N VAL A 63 -1.33 8.98 -14.22
CA VAL A 63 -1.74 8.17 -15.36
C VAL A 63 -3.25 8.18 -15.54
N ALA A 64 -3.99 7.73 -14.55
CA ALA A 64 -5.45 7.68 -14.68
C ALA A 64 -6.05 9.04 -14.96
N PHE A 65 -5.40 10.08 -14.48
CA PHE A 65 -5.90 11.42 -14.70
C PHE A 65 -5.88 11.78 -16.19
N ARG A 66 -4.76 11.48 -16.86
CA ARG A 66 -4.61 11.78 -18.28
C ARG A 66 -5.47 10.86 -19.16
N GLU A 67 -6.00 9.81 -18.57
CA GLU A 67 -6.82 8.89 -19.33
C GLU A 67 -8.30 9.18 -19.08
N LEU A 68 -8.60 9.96 -18.06
CA LEU A 68 -9.98 10.28 -17.72
C LEU A 68 -10.40 11.67 -18.14
N VAL A 69 -9.56 12.64 -17.82
CA VAL A 69 -9.84 14.02 -18.16
C VAL A 69 -9.52 14.25 -19.62
N GLU A 70 -10.42 14.95 -20.31
CA GLU A 70 -10.24 15.25 -21.72
C GLU A 70 -9.02 16.16 -21.92
N PRO A 71 -8.16 15.82 -22.90
CA PRO A 71 -6.94 16.55 -23.23
C PRO A 71 -7.00 18.07 -23.14
N ARG A 72 -8.14 18.63 -23.53
CA ARG A 72 -8.33 20.08 -23.51
C ARG A 72 -8.35 20.61 -22.09
N LYS A 73 -8.78 19.78 -21.14
CA LYS A 73 -8.84 20.20 -19.75
C LYS A 73 -7.60 19.84 -18.94
N GLN A 74 -6.57 19.35 -19.61
CA GLN A 74 -5.32 18.98 -18.97
C GLN A 74 -4.28 20.11 -18.96
N ASP A 75 -4.70 21.30 -18.53
CA ASP A 75 -3.79 22.44 -18.49
C ASP A 75 -2.60 22.21 -17.57
N ALA A 76 -1.75 23.21 -17.40
CA ALA A 76 -0.58 23.06 -16.55
C ALA A 76 -0.98 22.97 -15.08
N ASP A 77 -2.04 23.68 -14.73
CA ASP A 77 -2.53 23.71 -13.35
C ASP A 77 -3.20 22.40 -12.95
N SER A 78 -3.79 21.70 -13.93
CA SER A 78 -4.44 20.42 -13.67
C SER A 78 -3.39 19.34 -13.45
N LEU A 79 -2.32 19.40 -14.22
CA LEU A 79 -1.25 18.42 -14.10
C LEU A 79 -0.49 18.67 -12.81
N GLN A 80 -0.54 19.93 -12.36
CA GLN A 80 0.14 20.32 -11.13
C GLN A 80 -0.61 19.70 -9.93
N ARG A 81 -1.93 19.83 -9.94
CA ARG A 81 -2.77 19.29 -8.90
C ARG A 81 -2.72 17.76 -8.90
N ALA A 82 -2.68 17.19 -10.10
CA ALA A 82 -2.62 15.74 -10.29
C ALA A 82 -1.34 15.14 -9.67
N TRP A 83 -0.21 15.81 -9.84
CA TRP A 83 1.04 15.33 -9.28
C TRP A 83 1.01 15.42 -7.77
N THR A 84 0.34 16.45 -7.26
CA THR A 84 0.24 16.65 -5.82
C THR A 84 -0.62 15.56 -5.21
N VAL A 85 -1.81 15.34 -5.75
CA VAL A 85 -2.70 14.32 -5.23
C VAL A 85 -2.00 12.95 -5.27
N GLY A 86 -1.15 12.76 -6.26
CA GLY A 86 -0.39 11.52 -6.38
C GLY A 86 0.61 11.44 -5.24
N TRP A 87 1.21 12.58 -4.89
CA TRP A 87 2.16 12.53 -3.77
C TRP A 87 1.44 12.38 -2.45
N CYS A 88 0.17 12.77 -2.40
CA CYS A 88 -0.61 12.61 -1.20
C CYS A 88 -0.81 11.10 -0.96
N VAL A 89 -1.05 10.36 -2.02
CA VAL A 89 -1.23 8.91 -1.88
C VAL A 89 0.06 8.29 -1.37
N GLU A 90 1.19 8.83 -1.81
CA GLU A 90 2.48 8.29 -1.37
C GLU A 90 2.73 8.65 0.08
N LEU A 91 2.26 9.83 0.49
CA LEU A 91 2.43 10.29 1.86
C LEU A 91 1.56 9.44 2.79
N LEU A 92 0.34 9.14 2.32
CA LEU A 92 -0.58 8.33 3.09
C LEU A 92 0.08 6.99 3.35
N GLN A 93 0.73 6.43 2.33
CA GLN A 93 1.38 5.13 2.53
C GLN A 93 2.60 5.24 3.45
N ALA A 94 3.33 6.34 3.33
CA ALA A 94 4.51 6.53 4.16
C ALA A 94 4.05 6.56 5.61
N PHE A 95 2.91 7.21 5.82
CA PHE A 95 2.29 7.35 7.11
C PHE A 95 2.07 5.94 7.70
N PHE A 96 1.34 5.10 6.97
CA PHE A 96 1.06 3.72 7.40
C PHE A 96 2.28 2.82 7.51
N LEU A 97 3.21 2.91 6.56
CA LEU A 97 4.38 2.03 6.61
C LEU A 97 5.33 2.33 7.76
N VAL A 98 5.50 3.60 8.10
CA VAL A 98 6.37 3.98 9.19
C VAL A 98 5.83 3.31 10.44
N ALA A 99 4.54 3.51 10.70
CA ALA A 99 3.90 2.94 11.86
C ALA A 99 3.82 1.41 11.77
N ASP A 100 3.59 0.89 10.58
CA ASP A 100 3.49 -0.57 10.35
C ASP A 100 4.83 -1.25 10.63
N ASP A 101 5.93 -0.60 10.27
CA ASP A 101 7.27 -1.17 10.51
C ASP A 101 7.55 -1.29 12.00
N ILE A 102 7.01 -0.36 12.77
CA ILE A 102 7.19 -0.40 14.22
C ILE A 102 6.36 -1.53 14.82
N MET A 103 5.07 -1.58 14.47
CA MET A 103 4.19 -2.60 15.01
C MET A 103 4.52 -4.00 14.53
N ASP A 104 5.28 -4.11 13.43
CA ASP A 104 5.66 -5.42 12.90
C ASP A 104 7.11 -5.76 13.23
N SER A 105 7.76 -4.89 14.01
CA SER A 105 9.18 -5.07 14.38
C SER A 105 10.02 -5.36 13.13
N SER A 106 9.71 -4.69 12.03
CA SER A 106 10.45 -4.92 10.82
C SER A 106 11.86 -4.34 10.91
N LEU A 107 12.75 -4.76 10.03
CA LEU A 107 14.14 -4.29 10.06
C LEU A 107 14.47 -3.35 8.92
N THR A 108 14.02 -3.70 7.72
CA THR A 108 14.33 -2.86 6.58
C THR A 108 13.11 -2.59 5.72
N ARG A 109 13.25 -1.65 4.81
CA ARG A 109 12.19 -1.26 3.90
C ARG A 109 12.87 -0.48 2.80
N ARG A 110 12.61 -0.86 1.56
CA ARG A 110 13.22 -0.20 0.41
C ARG A 110 14.75 -0.26 0.45
N GLY A 111 15.28 -1.42 0.88
CA GLY A 111 16.71 -1.60 0.93
C GLY A 111 17.43 -0.88 2.07
N GLN A 112 16.75 -0.01 2.78
CA GLN A 112 17.38 0.71 3.89
C GLN A 112 16.77 0.31 5.22
N ILE A 113 17.37 0.81 6.29
CA ILE A 113 16.91 0.54 7.65
C ILE A 113 15.59 1.28 7.90
N CYS A 114 14.65 0.63 8.56
CA CYS A 114 13.35 1.23 8.88
C CYS A 114 13.58 2.50 9.68
N TRP A 115 12.78 3.52 9.38
CA TRP A 115 12.90 4.81 10.04
C TRP A 115 13.06 4.69 11.58
N TYR A 116 12.13 4.00 12.25
CA TYR A 116 12.19 3.89 13.70
C TYR A 116 13.43 3.16 14.21
N GLN A 117 14.02 2.34 13.36
CA GLN A 117 15.23 1.60 13.73
C GLN A 117 16.47 2.50 13.70
N LYS A 118 16.38 3.60 12.96
CA LYS A 118 17.52 4.51 12.89
C LYS A 118 17.84 5.09 14.25
N PRO A 119 19.13 5.15 14.57
CA PRO A 119 19.58 5.69 15.85
C PRO A 119 19.06 7.11 16.03
N GLY A 120 18.53 7.39 17.23
CA GLY A 120 18.01 8.72 17.51
C GLY A 120 16.56 8.95 17.19
N VAL A 121 15.95 8.09 16.38
CA VAL A 121 14.55 8.24 16.02
C VAL A 121 13.69 7.50 17.03
N GLY A 122 13.72 6.17 16.99
CA GLY A 122 12.94 5.38 17.93
C GLY A 122 11.46 5.68 17.89
N LEU A 123 10.80 5.57 19.04
CA LEU A 123 9.35 5.80 19.12
C LEU A 123 8.86 7.21 18.71
N ASP A 124 9.80 8.14 18.53
CA ASP A 124 9.46 9.48 18.08
C ASP A 124 8.92 9.37 16.66
N ALA A 125 9.19 8.24 16.04
CA ALA A 125 8.74 7.99 14.69
C ALA A 125 7.20 7.96 14.65
N ILE A 126 6.58 7.76 15.81
CA ILE A 126 5.12 7.74 15.91
C ILE A 126 4.57 9.12 15.54
N ASN A 127 5.18 10.16 16.07
CA ASN A 127 4.76 11.52 15.74
C ASN A 127 5.18 11.85 14.32
N ASP A 128 6.33 11.33 13.89
CA ASP A 128 6.79 11.57 12.52
C ASP A 128 5.72 11.05 11.55
N ALA A 129 5.14 9.89 11.84
CA ALA A 129 4.10 9.35 10.97
C ALA A 129 2.87 10.27 10.98
N ASN A 130 2.47 10.76 12.15
CA ASN A 130 1.33 11.66 12.28
C ASN A 130 1.51 12.92 11.40
N LEU A 131 2.73 13.43 11.32
CA LEU A 131 3.04 14.60 10.50
C LEU A 131 2.90 14.28 9.03
N LEU A 132 3.33 13.08 8.64
CA LEU A 132 3.22 12.71 7.25
C LEU A 132 1.76 12.72 6.87
N GLU A 133 0.90 12.28 7.78
CA GLU A 133 -0.53 12.26 7.49
C GLU A 133 -1.03 13.69 7.36
N ALA A 134 -0.67 14.53 8.32
CA ALA A 134 -1.10 15.92 8.32
C ALA A 134 -0.76 16.60 6.99
N CYS A 135 0.40 16.29 6.43
CA CYS A 135 0.84 16.87 5.16
C CYS A 135 -0.12 16.59 4.00
N ILE A 136 -0.81 15.45 4.05
CA ILE A 136 -1.76 15.12 3.00
C ILE A 136 -2.81 16.21 2.87
N TYR A 137 -3.38 16.60 4.01
CA TYR A 137 -4.42 17.62 4.00
C TYR A 137 -3.91 19.04 3.84
N ARG A 138 -2.65 19.27 4.16
CA ARG A 138 -2.07 20.59 3.98
C ARG A 138 -1.92 20.81 2.47
N LEU A 139 -1.43 19.79 1.76
CA LEU A 139 -1.25 19.89 0.32
C LEU A 139 -2.60 19.98 -0.37
N LEU A 140 -3.54 19.11 0.01
CA LEU A 140 -4.86 19.14 -0.61
C LEU A 140 -5.49 20.52 -0.58
N LYS A 141 -5.21 21.28 0.47
CA LYS A 141 -5.79 22.61 0.56
C LYS A 141 -5.00 23.65 -0.25
N LEU A 142 -3.69 23.66 -0.10
CA LEU A 142 -2.86 24.58 -0.82
C LEU A 142 -3.00 24.46 -2.33
N TYR A 143 -3.42 23.30 -2.81
CA TYR A 143 -3.53 23.09 -4.25
C TYR A 143 -4.93 22.84 -4.78
N CYS A 144 -5.84 22.34 -3.95
CA CYS A 144 -7.14 22.01 -4.47
C CYS A 144 -8.28 22.64 -3.73
N ARG A 145 -7.97 23.55 -2.82
CA ARG A 145 -9.02 24.18 -2.03
C ARG A 145 -10.14 24.79 -2.90
N GLU A 146 -9.78 25.37 -4.05
CA GLU A 146 -10.79 26.00 -4.90
C GLU A 146 -11.49 25.05 -5.87
N GLN A 147 -10.95 23.85 -6.06
CA GLN A 147 -11.54 22.87 -6.97
C GLN A 147 -12.86 22.32 -6.45
N PRO A 148 -13.75 21.91 -7.37
CA PRO A 148 -15.06 21.37 -7.00
C PRO A 148 -15.00 19.98 -6.35
N TYR A 149 -13.85 19.32 -6.50
CA TYR A 149 -13.67 17.99 -5.94
C TYR A 149 -12.92 17.98 -4.61
N TYR A 150 -12.51 19.16 -4.15
CA TYR A 150 -11.79 19.32 -2.89
C TYR A 150 -12.31 18.42 -1.77
N LEU A 151 -13.50 18.74 -1.29
CA LEU A 151 -14.09 17.97 -0.22
C LEU A 151 -14.10 16.48 -0.54
N ASN A 152 -14.40 16.12 -1.78
CA ASN A 152 -14.39 14.70 -2.15
C ASN A 152 -13.05 14.03 -1.89
N LEU A 153 -11.96 14.72 -2.24
CA LEU A 153 -10.64 14.14 -2.03
C LEU A 153 -10.35 13.99 -0.53
N ILE A 154 -10.73 14.99 0.25
CA ILE A 154 -10.52 14.96 1.69
C ILE A 154 -11.25 13.77 2.30
N GLU A 155 -12.52 13.61 1.98
CA GLU A 155 -13.28 12.52 2.49
C GLU A 155 -12.72 11.18 1.98
N LEU A 156 -12.24 11.15 0.74
CA LEU A 156 -11.71 9.90 0.21
C LEU A 156 -10.46 9.47 0.96
N PHE A 157 -9.56 10.41 1.22
CA PHE A 157 -8.34 10.14 1.94
C PHE A 157 -8.58 9.73 3.41
N LEU A 158 -9.52 10.39 4.07
CA LEU A 158 -9.83 10.06 5.45
C LEU A 158 -10.50 8.69 5.48
N GLN A 159 -11.40 8.46 4.53
CA GLN A 159 -12.11 7.18 4.42
C GLN A 159 -11.10 6.05 4.25
N SER A 160 -10.19 6.25 3.30
CA SER A 160 -9.16 5.28 2.99
C SER A 160 -8.26 4.98 4.20
N SER A 161 -8.02 5.97 5.06
CA SER A 161 -7.19 5.83 6.26
C SER A 161 -7.92 5.00 7.30
N TYR A 162 -9.18 5.36 7.52
CA TYR A 162 -10.04 4.65 8.46
C TYR A 162 -10.09 3.17 8.03
N GLN A 163 -10.35 2.92 6.75
CA GLN A 163 -10.43 1.54 6.30
C GLN A 163 -9.13 0.78 6.53
N THR A 164 -8.03 1.42 6.19
CA THR A 164 -6.71 0.81 6.35
C THR A 164 -6.46 0.50 7.83
N GLU A 165 -6.77 1.48 8.68
CA GLU A 165 -6.62 1.36 10.13
C GLU A 165 -7.51 0.23 10.66
N ILE A 166 -8.72 0.12 10.11
CA ILE A 166 -9.60 -0.97 10.52
C ILE A 166 -8.89 -2.27 10.10
N GLY A 167 -8.34 -2.27 8.89
CA GLY A 167 -7.61 -3.45 8.42
C GLY A 167 -6.36 -3.79 9.20
N GLN A 168 -5.63 -2.77 9.67
CA GLN A 168 -4.42 -3.07 10.47
C GLN A 168 -4.84 -3.67 11.82
N THR A 169 -6.03 -3.28 12.31
CA THR A 169 -6.55 -3.79 13.56
C THR A 169 -6.79 -5.30 13.42
N LEU A 170 -7.39 -5.74 12.33
CA LEU A 170 -7.62 -7.18 12.11
C LEU A 170 -6.29 -7.90 11.99
N ASP A 171 -5.36 -7.28 11.29
CA ASP A 171 -4.03 -7.85 11.09
C ASP A 171 -3.39 -8.12 12.45
N LEU A 172 -3.44 -7.14 13.35
CA LEU A 172 -2.84 -7.27 14.67
C LEU A 172 -3.62 -8.16 15.64
N LEU A 173 -4.94 -8.23 15.49
CA LEU A 173 -5.74 -9.05 16.38
C LEU A 173 -5.54 -10.53 16.03
N THR A 174 -5.46 -10.82 14.75
CA THR A 174 -5.31 -12.19 14.28
C THR A 174 -3.91 -12.72 14.50
N ALA A 175 -2.97 -11.81 14.74
CA ALA A 175 -1.58 -12.19 14.98
C ALA A 175 -1.08 -11.75 16.36
N PRO A 176 -1.69 -12.25 17.45
CA PRO A 176 -1.26 -11.88 18.80
C PRO A 176 0.18 -12.36 19.05
N GLN A 177 1.05 -11.48 19.53
CA GLN A 177 2.44 -11.84 19.80
C GLN A 177 2.56 -13.01 20.78
N GLY A 178 3.46 -13.94 20.46
CA GLY A 178 3.68 -15.09 21.31
C GLY A 178 2.43 -15.86 21.66
N ASN A 179 1.42 -15.77 20.82
CA ASN A 179 0.15 -16.45 21.04
C ASN A 179 -0.28 -17.20 19.77
N VAL A 180 0.33 -18.35 19.55
CA VAL A 180 0.04 -19.17 18.38
C VAL A 180 -1.27 -19.94 18.49
N ASP A 181 -2.11 -19.77 17.48
CA ASP A 181 -3.40 -20.45 17.43
C ASP A 181 -3.86 -20.44 15.97
N LEU A 182 -3.42 -21.45 15.23
CA LEU A 182 -3.72 -21.58 13.81
C LEU A 182 -5.21 -21.65 13.48
N VAL A 183 -6.05 -21.83 14.49
CA VAL A 183 -7.49 -21.94 14.26
C VAL A 183 -8.11 -20.69 13.63
N ARG A 184 -7.63 -19.52 14.01
CA ARG A 184 -8.17 -18.28 13.47
C ARG A 184 -7.66 -17.91 12.09
N PHE A 185 -6.70 -18.65 11.57
CA PHE A 185 -6.18 -18.36 10.26
C PHE A 185 -7.04 -18.95 9.16
N THR A 186 -8.25 -18.43 9.02
CA THR A 186 -9.16 -18.93 7.99
C THR A 186 -9.09 -18.09 6.73
N GLU A 187 -9.63 -18.61 5.64
CA GLU A 187 -9.60 -17.88 4.40
C GLU A 187 -10.47 -16.62 4.46
N LYS A 188 -11.64 -16.72 5.09
CA LYS A 188 -12.52 -15.56 5.19
C LYS A 188 -11.83 -14.43 5.96
N ARG A 189 -11.27 -14.76 7.11
CA ARG A 189 -10.60 -13.77 7.92
C ARG A 189 -9.53 -13.12 7.03
N TYR A 190 -8.75 -13.95 6.35
CA TYR A 190 -7.69 -13.47 5.46
C TYR A 190 -8.19 -12.45 4.44
N LYS A 191 -9.24 -12.79 3.70
CA LYS A 191 -9.77 -11.88 2.70
C LYS A 191 -10.21 -10.55 3.29
N SER A 192 -10.74 -10.59 4.50
CA SER A 192 -11.21 -9.37 5.15
C SER A 192 -10.04 -8.46 5.46
N ILE A 193 -8.99 -9.05 6.03
CA ILE A 193 -7.81 -8.30 6.41
C ILE A 193 -7.23 -7.58 5.22
N VAL A 194 -6.84 -8.35 4.21
CA VAL A 194 -6.23 -7.79 3.01
C VAL A 194 -7.12 -6.77 2.31
N LYS A 195 -8.42 -7.03 2.33
CA LYS A 195 -9.34 -6.13 1.71
C LYS A 195 -9.19 -4.74 2.34
N TYR A 196 -9.26 -4.68 3.67
CA TYR A 196 -9.14 -3.39 4.38
C TYR A 196 -7.74 -2.84 4.54
N LYS A 197 -6.77 -3.66 4.92
CA LYS A 197 -5.43 -3.14 5.14
C LYS A 197 -4.62 -2.79 3.90
N THR A 198 -5.02 -3.30 2.74
CA THR A 198 -4.26 -3.05 1.51
C THR A 198 -5.04 -2.59 0.27
N ALA A 199 -6.07 -3.35 -0.10
CA ALA A 199 -6.86 -3.07 -1.28
C ALA A 199 -7.41 -1.64 -1.40
N PHE A 200 -7.95 -1.10 -0.32
CA PHE A 200 -8.50 0.23 -0.40
C PHE A 200 -7.48 1.32 -0.69
N TYR A 201 -6.43 1.42 0.09
CA TYR A 201 -5.48 2.50 -0.18
C TYR A 201 -4.50 2.25 -1.33
N SER A 202 -4.20 0.99 -1.64
CA SER A 202 -3.25 0.72 -2.71
C SER A 202 -3.80 0.73 -4.15
N PHE A 203 -5.09 0.44 -4.30
CA PHE A 203 -5.69 0.39 -5.61
C PHE A 203 -6.91 1.28 -5.79
N TYR A 204 -7.87 1.20 -4.86
CA TYR A 204 -9.03 2.04 -5.00
C TYR A 204 -8.68 3.53 -4.87
N LEU A 205 -8.04 3.90 -3.75
CA LEU A 205 -7.68 5.30 -3.50
C LEU A 205 -7.14 6.06 -4.71
N PRO A 206 -6.04 5.61 -5.32
CA PRO A 206 -5.42 6.26 -6.49
C PRO A 206 -6.41 6.48 -7.65
N ILE A 207 -7.09 5.41 -8.06
CA ILE A 207 -8.02 5.51 -9.19
C ILE A 207 -9.19 6.42 -8.85
N ALA A 208 -9.72 6.27 -7.64
CA ALA A 208 -10.85 7.07 -7.18
C ALA A 208 -10.50 8.56 -7.11
N ALA A 209 -9.27 8.85 -6.72
CA ALA A 209 -8.83 10.23 -6.60
C ALA A 209 -8.88 10.87 -7.97
N ALA A 210 -8.32 10.18 -8.95
CA ALA A 210 -8.30 10.64 -10.32
C ALA A 210 -9.74 10.79 -10.82
N MET A 211 -10.59 9.82 -10.50
CA MET A 211 -11.98 9.90 -10.91
C MET A 211 -12.63 11.17 -10.39
N TYR A 212 -12.56 11.41 -9.09
CA TYR A 212 -13.16 12.61 -8.52
C TYR A 212 -12.63 13.87 -9.18
N MET A 213 -11.34 13.90 -9.47
CA MET A 213 -10.76 15.08 -10.12
C MET A 213 -11.30 15.23 -11.54
N ALA A 214 -11.67 14.12 -12.15
CA ALA A 214 -12.18 14.13 -13.50
C ALA A 214 -13.69 14.40 -13.50
N GLY A 215 -14.21 14.80 -12.34
CA GLY A 215 -15.63 15.09 -12.24
C GLY A 215 -16.50 13.86 -12.10
N ILE A 216 -15.91 12.69 -12.34
CA ILE A 216 -16.65 11.43 -12.22
C ILE A 216 -16.83 11.11 -10.73
N ASP A 217 -18.00 11.44 -10.19
CA ASP A 217 -18.29 11.18 -8.79
C ASP A 217 -19.54 10.31 -8.59
N GLY A 218 -19.98 9.66 -9.67
CA GLY A 218 -21.14 8.79 -9.58
C GLY A 218 -20.89 7.61 -8.65
N GLU A 219 -21.88 7.30 -7.82
CA GLU A 219 -21.76 6.21 -6.87
C GLU A 219 -21.59 4.86 -7.57
N LYS A 220 -22.37 4.65 -8.62
CA LYS A 220 -22.33 3.41 -9.38
C LYS A 220 -20.98 3.25 -10.08
N GLU A 221 -20.44 4.36 -10.57
CA GLU A 221 -19.15 4.30 -11.24
C GLU A 221 -18.08 3.85 -10.25
N HIS A 222 -17.98 4.56 -9.12
CA HIS A 222 -17.01 4.21 -8.08
C HIS A 222 -17.16 2.78 -7.60
N ALA A 223 -18.39 2.35 -7.40
CA ALA A 223 -18.64 1.00 -6.93
C ALA A 223 -18.13 0.00 -7.95
N ASN A 224 -18.29 0.31 -9.23
CA ASN A 224 -17.83 -0.61 -10.27
C ASN A 224 -16.31 -0.66 -10.33
N ALA A 225 -15.70 0.52 -10.26
CA ALA A 225 -14.24 0.59 -10.29
C ALA A 225 -13.73 -0.19 -9.08
N LYS A 226 -14.37 0.02 -7.93
CA LYS A 226 -14.02 -0.64 -6.68
C LYS A 226 -14.11 -2.15 -6.80
N LYS A 227 -15.04 -2.63 -7.62
CA LYS A 227 -15.22 -4.06 -7.81
C LYS A 227 -13.95 -4.66 -8.39
N ILE A 228 -13.37 -3.96 -9.36
CA ILE A 228 -12.16 -4.42 -9.99
C ILE A 228 -10.94 -4.20 -9.08
N LEU A 229 -10.76 -2.96 -8.66
CA LEU A 229 -9.65 -2.57 -7.81
C LEU A 229 -9.48 -3.41 -6.51
N LEU A 230 -10.55 -3.67 -5.77
CA LEU A 230 -10.39 -4.44 -4.52
C LEU A 230 -9.92 -5.85 -4.78
N GLU A 231 -10.35 -6.41 -5.91
CA GLU A 231 -9.96 -7.77 -6.29
C GLU A 231 -8.48 -7.76 -6.65
N MET A 232 -8.01 -6.67 -7.24
CA MET A 232 -6.60 -6.59 -7.57
C MET A 232 -5.81 -6.54 -6.28
N GLY A 233 -6.26 -5.71 -5.35
CA GLY A 233 -5.60 -5.59 -4.07
C GLY A 233 -5.48 -6.93 -3.37
N GLU A 234 -6.56 -7.71 -3.39
CA GLU A 234 -6.53 -9.03 -2.75
C GLU A 234 -5.34 -9.81 -3.32
N PHE A 235 -5.20 -9.80 -4.64
CA PHE A 235 -4.10 -10.53 -5.25
C PHE A 235 -2.74 -9.97 -4.82
N PHE A 236 -2.63 -8.65 -4.81
CA PHE A 236 -1.39 -8.01 -4.43
C PHE A 236 -0.90 -8.36 -3.03
N GLN A 237 -1.79 -8.34 -2.03
CA GLN A 237 -1.37 -8.65 -0.67
C GLN A 237 -0.98 -10.12 -0.57
N ILE A 238 -1.55 -10.94 -1.45
CA ILE A 238 -1.24 -12.36 -1.47
C ILE A 238 0.19 -12.51 -1.93
N GLN A 239 0.51 -11.80 -2.99
CA GLN A 239 1.86 -11.81 -3.54
C GLN A 239 2.83 -11.27 -2.50
N ASP A 240 2.46 -10.16 -1.85
CA ASP A 240 3.31 -9.55 -0.81
C ASP A 240 3.60 -10.58 0.29
N ASP A 241 2.57 -11.34 0.66
CA ASP A 241 2.75 -12.37 1.66
C ASP A 241 3.70 -13.42 1.13
N TYR A 242 3.52 -13.83 -0.12
CA TYR A 242 4.39 -14.84 -0.74
C TYR A 242 5.84 -14.39 -0.78
N LEU A 243 6.05 -13.17 -1.26
CA LEU A 243 7.38 -12.61 -1.35
C LEU A 243 8.02 -12.41 0.02
N ASP A 244 7.19 -12.22 1.05
CA ASP A 244 7.69 -12.02 2.41
C ASP A 244 8.66 -13.12 2.78
N LEU A 245 8.42 -14.32 2.26
CA LEU A 245 9.28 -15.44 2.58
C LEU A 245 10.07 -15.96 1.39
N PHE A 246 9.42 -16.00 0.22
CA PHE A 246 10.05 -16.52 -1.01
C PHE A 246 10.53 -15.45 -1.97
N GLY A 247 10.35 -14.18 -1.59
CA GLY A 247 10.78 -13.11 -2.45
C GLY A 247 12.29 -12.93 -2.42
N ASP A 248 12.82 -12.29 -3.45
CA ASP A 248 14.25 -12.02 -3.54
C ASP A 248 14.53 -10.77 -2.70
N PRO A 249 15.23 -10.93 -1.58
CA PRO A 249 15.56 -9.81 -0.69
C PRO A 249 16.17 -8.61 -1.40
N SER A 250 16.95 -8.87 -2.45
CA SER A 250 17.59 -7.78 -3.21
C SER A 250 16.58 -7.14 -4.16
N VAL A 251 15.35 -7.61 -4.14
CA VAL A 251 14.31 -7.06 -4.99
C VAL A 251 13.16 -6.49 -4.15
N THR A 252 12.80 -7.19 -3.08
CA THR A 252 11.70 -6.75 -2.23
C THR A 252 12.08 -5.52 -1.43
N GLY A 253 13.35 -5.44 -1.04
CA GLY A 253 13.84 -4.30 -0.29
C GLY A 253 13.51 -4.34 1.18
N LYS A 254 13.01 -5.47 1.65
CA LYS A 254 12.63 -5.59 3.05
C LYS A 254 12.72 -7.04 3.52
N ILE A 255 13.14 -7.24 4.77
CA ILE A 255 13.24 -8.58 5.34
C ILE A 255 11.87 -9.05 5.85
N GLY A 256 11.55 -10.31 5.57
CA GLY A 256 10.28 -10.86 5.99
C GLY A 256 10.20 -11.07 7.49
N THR A 257 8.99 -10.93 8.04
CA THR A 257 8.77 -11.11 9.47
C THR A 257 7.42 -11.78 9.76
N ASP A 258 6.68 -12.11 8.72
CA ASP A 258 5.36 -12.72 8.90
C ASP A 258 5.32 -13.95 9.81
N ILE A 259 6.19 -14.92 9.56
CA ILE A 259 6.20 -16.11 10.39
C ILE A 259 6.52 -15.75 11.82
N GLN A 260 7.59 -14.98 12.03
CA GLN A 260 7.99 -14.57 13.39
C GLN A 260 6.90 -13.75 14.09
N ASP A 261 6.25 -12.86 13.35
CA ASP A 261 5.19 -12.02 13.90
C ASP A 261 3.88 -12.77 14.09
N ASN A 262 3.87 -14.06 13.75
CA ASN A 262 2.67 -14.91 13.87
C ASN A 262 1.53 -14.36 13.01
N LYS A 263 1.87 -13.81 11.84
CA LYS A 263 0.86 -13.20 10.96
C LYS A 263 -0.05 -14.18 10.20
N CYS A 264 -1.28 -13.76 9.97
CA CYS A 264 -2.24 -14.58 9.24
C CYS A 264 -1.95 -14.42 7.74
N SER A 265 -0.81 -14.97 7.33
CA SER A 265 -0.34 -14.92 5.95
C SER A 265 -1.14 -15.85 5.03
N TRP A 266 -1.03 -15.59 3.73
CA TRP A 266 -1.72 -16.40 2.72
C TRP A 266 -1.06 -17.78 2.75
N LEU A 267 0.25 -17.78 2.91
CA LEU A 267 1.05 -19.00 2.96
C LEU A 267 0.65 -19.91 4.13
N VAL A 268 0.36 -19.33 5.29
CA VAL A 268 -0.01 -20.15 6.44
C VAL A 268 -1.45 -20.68 6.25
N VAL A 269 -2.34 -19.85 5.72
CA VAL A 269 -3.72 -20.26 5.48
C VAL A 269 -3.74 -21.39 4.45
N GLN A 270 -2.88 -21.29 3.44
CA GLN A 270 -2.81 -22.31 2.40
C GLN A 270 -2.19 -23.59 2.96
N CYS A 271 -1.20 -23.43 3.84
CA CYS A 271 -0.53 -24.56 4.46
C CYS A 271 -1.54 -25.35 5.29
N LEU A 272 -2.29 -24.66 6.13
CA LEU A 272 -3.29 -25.31 6.99
C LEU A 272 -4.32 -26.14 6.24
N GLN A 273 -4.78 -25.65 5.09
CA GLN A 273 -5.78 -26.36 4.30
C GLN A 273 -5.19 -27.61 3.68
N ARG A 274 -3.92 -27.56 3.32
CA ARG A 274 -3.24 -28.68 2.70
C ARG A 274 -2.23 -29.33 3.64
N ALA A 275 -2.61 -29.58 4.89
CA ALA A 275 -1.67 -30.19 5.82
C ALA A 275 -2.23 -31.37 6.61
N THR A 276 -1.39 -32.39 6.80
CA THR A 276 -1.77 -33.58 7.55
C THR A 276 -1.63 -33.25 9.03
N PRO A 277 -2.38 -33.94 9.89
CA PRO A 277 -2.33 -33.71 11.34
C PRO A 277 -0.90 -33.64 11.86
N GLU A 278 0.00 -34.36 11.19
CA GLU A 278 1.40 -34.38 11.58
C GLU A 278 2.05 -33.05 11.23
N GLN A 279 1.87 -32.61 9.99
CA GLN A 279 2.43 -31.36 9.52
C GLN A 279 1.87 -30.23 10.37
N TYR A 280 0.55 -30.20 10.50
CA TYR A 280 -0.14 -29.18 11.29
C TYR A 280 0.57 -28.96 12.64
N GLN A 281 0.96 -30.06 13.28
CA GLN A 281 1.65 -30.01 14.56
C GLN A 281 3.04 -29.40 14.41
N ILE A 282 3.71 -29.70 13.31
CA ILE A 282 5.03 -29.16 13.07
C ILE A 282 4.95 -27.63 12.95
N LEU A 283 3.99 -27.17 12.15
CA LEU A 283 3.77 -25.75 11.93
C LEU A 283 3.46 -25.04 13.24
N LYS A 284 2.65 -25.71 14.06
CA LYS A 284 2.23 -25.18 15.35
C LYS A 284 3.36 -24.92 16.36
N GLU A 285 4.38 -25.78 16.32
CA GLU A 285 5.52 -25.66 17.23
C GLU A 285 6.66 -24.80 16.69
N ASN A 286 6.49 -24.22 15.51
CA ASN A 286 7.56 -23.41 14.94
C ASN A 286 7.11 -22.01 14.48
N TYR A 287 5.81 -21.81 14.42
CA TYR A 287 5.25 -20.54 13.98
C TYR A 287 5.28 -19.46 15.07
N GLY A 288 5.29 -18.20 14.64
CA GLY A 288 5.29 -17.08 15.57
C GLY A 288 6.41 -17.05 16.58
N GLN A 289 7.62 -17.42 16.16
CA GLN A 289 8.77 -17.40 17.05
C GLN A 289 9.98 -16.81 16.33
N LYS A 290 10.81 -16.10 17.07
CA LYS A 290 11.99 -15.44 16.51
C LYS A 290 13.12 -16.37 16.14
N GLU A 291 13.16 -17.56 16.73
CA GLU A 291 14.24 -18.50 16.43
C GLU A 291 14.38 -18.79 14.93
N ALA A 292 15.52 -18.41 14.36
CA ALA A 292 15.77 -18.61 12.95
C ALA A 292 15.52 -20.06 12.52
N GLU A 293 15.92 -21.01 13.36
CA GLU A 293 15.75 -22.42 13.07
C GLU A 293 14.29 -22.81 12.90
N LYS A 294 13.46 -22.31 13.79
CA LYS A 294 12.03 -22.59 13.76
C LYS A 294 11.40 -22.01 12.49
N VAL A 295 11.77 -20.78 12.16
CA VAL A 295 11.27 -20.11 10.96
C VAL A 295 11.71 -20.90 9.72
N ALA A 296 12.92 -21.45 9.78
CA ALA A 296 13.44 -22.24 8.66
C ALA A 296 12.65 -23.53 8.56
N ARG A 297 12.13 -23.97 9.71
CA ARG A 297 11.34 -25.18 9.76
C ARG A 297 10.02 -24.97 9.00
N VAL A 298 9.31 -23.92 9.38
CA VAL A 298 8.03 -23.58 8.75
C VAL A 298 8.18 -23.42 7.25
N LYS A 299 9.27 -22.79 6.83
CA LYS A 299 9.52 -22.57 5.40
C LYS A 299 9.66 -23.91 4.70
N ALA A 300 10.45 -24.81 5.29
CA ALA A 300 10.67 -26.14 4.71
C ALA A 300 9.33 -26.83 4.54
N LEU A 301 8.46 -26.68 5.53
CA LEU A 301 7.13 -27.28 5.44
C LEU A 301 6.36 -26.69 4.25
N TYR A 302 6.48 -25.38 4.07
CA TYR A 302 5.81 -24.68 2.97
C TYR A 302 6.26 -25.21 1.61
N GLU A 303 7.58 -25.37 1.45
CA GLU A 303 8.15 -25.87 0.21
C GLU A 303 7.78 -27.34 0.02
N GLU A 304 7.55 -28.05 1.11
CA GLU A 304 7.18 -29.46 1.06
C GLU A 304 5.76 -29.61 0.50
N LEU A 305 4.90 -28.65 0.83
CA LEU A 305 3.52 -28.65 0.35
C LEU A 305 3.37 -27.98 -1.00
N ASP A 306 4.49 -27.68 -1.64
CA ASP A 306 4.51 -27.05 -2.96
C ASP A 306 3.75 -25.71 -3.02
N LEU A 307 3.77 -24.97 -1.93
CA LEU A 307 3.11 -23.67 -1.87
C LEU A 307 3.64 -22.70 -2.94
N PRO A 308 4.97 -22.69 -3.16
CA PRO A 308 5.51 -21.78 -4.17
C PRO A 308 4.91 -22.06 -5.56
N ALA A 309 4.45 -23.30 -5.76
CA ALA A 309 3.83 -23.69 -7.03
C ALA A 309 2.36 -23.32 -7.01
N VAL A 310 1.71 -23.56 -5.87
CA VAL A 310 0.31 -23.23 -5.68
C VAL A 310 0.11 -21.74 -5.91
N PHE A 311 1.10 -20.96 -5.49
CA PHE A 311 1.03 -19.51 -5.65
C PHE A 311 1.08 -19.17 -7.12
N LEU A 312 2.01 -19.78 -7.86
CA LEU A 312 2.13 -19.51 -9.29
C LEU A 312 0.88 -19.89 -10.05
N GLN A 313 0.16 -20.87 -9.54
CA GLN A 313 -1.06 -21.30 -10.20
C GLN A 313 -2.18 -20.29 -9.92
N TYR A 314 -2.19 -19.73 -8.71
CA TYR A 314 -3.20 -18.74 -8.33
C TYR A 314 -3.00 -17.42 -9.05
N GLU A 315 -1.74 -17.02 -9.22
CA GLU A 315 -1.43 -15.78 -9.91
C GLU A 315 -2.09 -15.80 -11.29
N GLU A 316 -2.02 -16.95 -11.96
CA GLU A 316 -2.61 -17.09 -13.28
C GLU A 316 -4.14 -17.04 -13.22
N ASP A 317 -4.74 -17.84 -12.35
CA ASP A 317 -6.19 -17.85 -12.26
C ASP A 317 -6.69 -16.45 -11.87
N SER A 318 -5.99 -15.83 -10.94
CA SER A 318 -6.31 -14.49 -10.46
C SER A 318 -6.32 -13.51 -11.64
N TYR A 319 -5.27 -13.59 -12.46
CA TYR A 319 -5.11 -12.72 -13.63
C TYR A 319 -6.31 -12.86 -14.57
N SER A 320 -6.68 -14.10 -14.86
CA SER A 320 -7.81 -14.36 -15.74
C SER A 320 -9.09 -13.80 -15.11
N HIS A 321 -9.25 -14.07 -13.82
CA HIS A 321 -10.43 -13.60 -13.09
C HIS A 321 -10.52 -12.06 -13.14
N ILE A 322 -9.43 -11.39 -12.81
CA ILE A 322 -9.40 -9.93 -12.82
C ILE A 322 -9.76 -9.39 -14.22
N MET A 323 -9.22 -10.02 -15.25
CA MET A 323 -9.50 -9.57 -16.62
C MET A 323 -10.99 -9.74 -16.94
N ALA A 324 -11.57 -10.83 -16.45
CA ALA A 324 -12.97 -11.09 -16.66
C ALA A 324 -13.77 -9.98 -15.98
N LEU A 325 -13.26 -9.51 -14.84
CA LEU A 325 -13.94 -8.45 -14.10
C LEU A 325 -13.84 -7.13 -14.85
N ILE A 326 -12.72 -6.92 -15.53
CA ILE A 326 -12.57 -5.68 -16.29
C ILE A 326 -13.55 -5.66 -17.47
N GLU A 327 -13.72 -6.80 -18.13
CA GLU A 327 -14.63 -6.89 -19.26
C GLU A 327 -16.07 -6.60 -18.84
N GLN A 328 -16.36 -6.76 -17.56
CA GLN A 328 -17.71 -6.53 -17.06
C GLN A 328 -17.97 -5.19 -16.41
N TYR A 329 -16.99 -4.68 -15.66
CA TYR A 329 -17.18 -3.41 -14.94
C TYR A 329 -16.36 -2.21 -15.36
N ALA A 330 -15.45 -2.39 -16.32
CA ALA A 330 -14.61 -1.27 -16.77
C ALA A 330 -15.43 -0.07 -17.24
N ALA A 331 -16.36 -0.31 -18.16
CA ALA A 331 -17.21 0.75 -18.71
C ALA A 331 -17.94 1.52 -17.63
N PRO A 332 -18.19 2.81 -17.84
CA PRO A 332 -17.79 3.58 -19.03
C PRO A 332 -16.35 4.04 -19.06
N LEU A 333 -15.58 3.64 -18.05
CA LEU A 333 -14.18 4.05 -17.99
C LEU A 333 -13.33 3.29 -19.00
N PRO A 334 -12.27 3.94 -19.52
CA PRO A 334 -11.36 3.32 -20.48
C PRO A 334 -10.69 2.10 -19.86
N PRO A 335 -10.88 0.92 -20.46
CA PRO A 335 -10.29 -0.32 -19.94
C PRO A 335 -8.80 -0.20 -19.63
N ALA A 336 -8.10 0.65 -20.38
CA ALA A 336 -6.67 0.85 -20.19
C ALA A 336 -6.33 1.27 -18.76
N VAL A 337 -7.22 2.04 -18.14
CA VAL A 337 -7.02 2.49 -16.75
C VAL A 337 -6.76 1.30 -15.83
N PHE A 338 -7.52 0.22 -16.01
CA PHE A 338 -7.36 -0.96 -15.19
C PHE A 338 -6.30 -1.89 -15.78
N LEU A 339 -6.20 -1.90 -17.10
CA LEU A 339 -5.24 -2.76 -17.79
C LEU A 339 -3.81 -2.35 -17.51
N GLY A 340 -3.60 -1.04 -17.37
CA GLY A 340 -2.27 -0.56 -17.06
C GLY A 340 -1.85 -1.08 -15.69
N LEU A 341 -2.77 -1.11 -14.73
CA LEU A 341 -2.48 -1.59 -13.38
C LEU A 341 -2.20 -3.07 -13.35
N ALA A 342 -3.03 -3.84 -14.05
CA ALA A 342 -2.89 -5.29 -14.11
C ALA A 342 -1.56 -5.68 -14.73
N ARG A 343 -1.13 -4.93 -15.73
CA ARG A 343 0.12 -5.21 -16.39
C ARG A 343 1.29 -5.06 -15.42
N LYS A 344 1.23 -4.06 -14.55
CA LYS A 344 2.31 -3.82 -13.61
C LYS A 344 2.39 -4.79 -12.43
N ILE A 345 1.25 -5.28 -11.93
CA ILE A 345 1.29 -6.18 -10.79
C ILE A 345 1.36 -7.65 -11.16
N TYR A 346 1.12 -7.97 -12.42
CA TYR A 346 1.16 -9.35 -12.87
C TYR A 346 2.39 -9.65 -13.72
N LYS A 347 3.35 -10.35 -13.12
CA LYS A 347 4.58 -10.73 -13.77
C LYS A 347 5.25 -9.50 -14.36
#